data_6Y8E
#
_entry.id   6Y8E
#
_cell.length_a   82.167
_cell.length_b   112.045
_cell.length_c   62.616
_cell.angle_alpha   90.00
_cell.angle_beta   90.00
_cell.angle_gamma   90.00
#
_symmetry.space_group_name_H-M   'C 2 2 21'
#
loop_
_entity.id
_entity.type
_entity.pdbx_description
1 polymer '14-3-3 protein sigma'
2 polymer ARG-SER-PHE-SEP-GLU-PRO-PHE-GLY
3 non-polymer 'CALCIUM ION'
4 non-polymer 'MAGNESIUM ION'
5 non-polymer 'CHLORIDE ION'
6 water water
#
loop_
_entity_poly.entity_id
_entity_poly.type
_entity_poly.pdbx_seq_one_letter_code
_entity_poly.pdbx_strand_id
1 'polypeptide(L)'
;GAMGSMERASLIQKAKLAEQAERYEDMAAFMKGAVEKGEELS(CSO)EERNLLSVAYKNVVGGQRAAWRVLSSIEQKSNE
EGSEEKGPEVREYREKVETELQGVCDTVLGLLDSHLIKEAGDAESRVFYLKMKGDYYRYLAEVATGDDKKRIIDSARSAY
QEAMDISKKEMPPTNPIRLGLALNFSVFHYEIANSPEEAISLAKTTFDEAMADLHTLSEDSYKDSTLIMQLLRDNLTLWT
ADNAGEEGGEAPQEPQS
;
A
2 'polypeptide(L)' RSF(SEP)EPFG P
#
# COMPACT_ATOMS: atom_id res chain seq x y z
N GLY A 1 20.50 -0.87 -14.38
CA GLY A 1 19.21 -0.29 -14.73
C GLY A 1 19.30 0.74 -15.82
N ALA A 2 18.21 0.87 -16.59
CA ALA A 2 18.18 1.83 -17.69
C ALA A 2 18.21 3.27 -17.20
N MET A 3 17.95 3.51 -15.92
CA MET A 3 17.99 4.85 -15.35
C MET A 3 19.32 5.17 -14.70
N GLY A 4 20.30 4.26 -14.78
CA GLY A 4 21.57 4.48 -14.10
C GLY A 4 22.34 5.70 -14.59
N SER A 5 22.12 6.13 -15.82
CA SER A 5 22.84 7.28 -16.35
CA SER A 5 22.82 7.28 -16.38
C SER A 5 22.15 8.61 -16.09
N MET A 6 20.95 8.61 -15.53
CA MET A 6 20.22 9.85 -15.28
C MET A 6 20.46 10.33 -13.86
N GLU A 7 20.60 11.64 -13.70
CA GLU A 7 20.79 12.24 -12.38
C GLU A 7 19.59 11.95 -11.49
N ARG A 8 19.87 11.75 -10.20
CA ARG A 8 18.80 11.57 -9.22
C ARG A 8 17.76 12.68 -9.32
N ALA A 9 18.19 13.94 -9.35
CA ALA A 9 17.23 15.04 -9.36
C ALA A 9 16.40 15.04 -10.64
N SER A 10 17.00 14.63 -11.75
CA SER A 10 16.27 14.56 -13.02
C SER A 10 15.23 13.45 -12.97
N LEU A 11 15.54 12.32 -12.34
CA LEU A 11 14.57 11.24 -12.18
C LEU A 11 13.38 11.70 -11.35
N ILE A 12 13.64 12.44 -10.26
CA ILE A 12 12.54 12.95 -9.43
C ILE A 12 11.69 13.93 -10.22
N GLN A 13 12.34 14.86 -10.93
CA GLN A 13 11.59 15.82 -11.76
C GLN A 13 10.73 15.10 -12.78
N LYS A 14 11.29 14.10 -13.46
CA LYS A 14 10.52 13.36 -14.45
C LYS A 14 9.41 12.53 -13.83
N ALA A 15 9.61 12.01 -12.62
CA ALA A 15 8.52 11.31 -11.94
C ALA A 15 7.34 12.25 -11.71
N LYS A 16 7.63 13.51 -11.36
CA LYS A 16 6.55 14.47 -11.15
C LYS A 16 5.84 14.82 -12.45
N LEU A 17 6.61 14.94 -13.54
CA LEU A 17 6.00 15.17 -14.86
C LEU A 17 5.15 13.99 -15.27
N ALA A 18 5.65 12.76 -15.05
CA ALA A 18 4.90 11.57 -15.43
C ALA A 18 3.59 11.50 -14.64
N GLU A 19 3.62 11.88 -13.36
N GLU A 19 3.62 11.88 -13.37
CA GLU A 19 2.38 11.92 -12.59
CA GLU A 19 2.39 11.93 -12.57
C GLU A 19 1.37 12.88 -13.22
C GLU A 19 1.37 12.88 -13.20
N GLN A 20 1.82 14.08 -13.58
CA GLN A 20 0.92 15.05 -14.21
CA GLN A 20 0.92 15.05 -14.21
C GLN A 20 0.35 14.51 -15.51
N ALA A 21 1.13 13.73 -16.25
CA ALA A 21 0.70 13.16 -17.52
C ALA A 21 -0.02 11.84 -17.36
N GLU A 22 -0.22 11.37 -16.13
CA GLU A 22 -0.86 10.08 -15.85
C GLU A 22 -0.13 8.92 -16.51
N ARG A 23 1.19 9.03 -16.57
CA ARG A 23 2.06 7.99 -17.12
C ARG A 23 2.70 7.24 -15.95
N TYR A 24 1.91 6.37 -15.34
CA TYR A 24 2.32 5.80 -14.06
C TYR A 24 3.42 4.74 -14.21
N GLU A 25 3.42 3.99 -15.30
CA GLU A 25 4.54 3.06 -15.51
C GLU A 25 5.86 3.82 -15.62
N ASP A 26 5.88 4.92 -16.39
CA ASP A 26 7.06 5.77 -16.45
C ASP A 26 7.41 6.30 -15.07
N MET A 27 6.41 6.79 -14.34
CA MET A 27 6.64 7.33 -13.01
C MET A 27 7.31 6.30 -12.11
N ALA A 28 6.84 5.05 -12.15
CA ALA A 28 7.43 4.00 -11.33
C ALA A 28 8.85 3.70 -11.76
N ALA A 29 9.13 3.68 -13.06
CA ALA A 29 10.49 3.43 -13.52
C ALA A 29 11.43 4.55 -13.07
N PHE A 30 10.98 5.82 -13.15
CA PHE A 30 11.81 6.92 -12.68
C PHE A 30 12.07 6.81 -11.19
N MET A 31 11.04 6.47 -10.40
CA MET A 31 11.24 6.37 -8.96
C MET A 31 12.09 5.17 -8.58
N LYS A 32 11.96 4.04 -9.29
CA LYS A 32 12.88 2.93 -9.09
C LYS A 32 14.31 3.37 -9.33
N GLY A 33 14.53 4.09 -10.44
CA GLY A 33 15.86 4.63 -10.71
C GLY A 33 16.36 5.52 -9.59
N ALA A 34 15.49 6.38 -9.05
CA ALA A 34 15.90 7.24 -7.94
C ALA A 34 16.26 6.42 -6.70
N VAL A 35 15.45 5.41 -6.35
CA VAL A 35 15.78 4.57 -5.19
C VAL A 35 17.14 3.91 -5.39
N GLU A 36 17.40 3.43 -6.59
CA GLU A 36 18.63 2.69 -6.87
C GLU A 36 19.86 3.58 -6.85
N LYS A 37 19.71 4.91 -6.70
CA LYS A 37 20.88 5.74 -6.47
C LYS A 37 21.48 5.50 -5.10
N GLY A 38 20.73 4.87 -4.20
CA GLY A 38 21.25 4.42 -2.94
C GLY A 38 21.06 5.38 -1.78
N GLU A 39 20.61 6.60 -2.03
CA GLU A 39 20.35 7.53 -0.96
C GLU A 39 18.93 7.33 -0.42
N GLU A 40 18.74 7.73 0.83
CA GLU A 40 17.41 7.70 1.42
C GLU A 40 16.47 8.65 0.65
N LEU A 41 15.17 8.44 0.81
CA LEU A 41 14.14 9.26 0.18
C LEU A 41 13.54 10.22 1.20
N SER A 42 13.29 11.44 0.76
CA SER A 42 12.54 12.40 1.56
C SER A 42 11.07 12.04 1.62
N GLU A 44 8.44 13.66 0.46
CA GLU A 44 7.81 13.88 -0.85
C GLU A 44 8.20 12.75 -1.82
N GLU A 45 9.48 12.34 -1.78
CA GLU A 45 9.95 11.30 -2.67
C GLU A 45 9.33 9.95 -2.33
N ARG A 46 9.16 9.65 -1.03
CA ARG A 46 8.46 8.42 -0.65
C ARG A 46 7.04 8.42 -1.19
N ASN A 47 6.37 9.57 -1.14
CA ASN A 47 5.01 9.62 -1.66
C ASN A 47 4.99 9.43 -3.17
N LEU A 48 5.98 9.97 -3.89
CA LEU A 48 6.04 9.73 -5.33
C LEU A 48 6.21 8.25 -5.65
N LEU A 49 7.10 7.58 -4.92
CA LEU A 49 7.29 6.15 -5.08
C LEU A 49 5.98 5.40 -4.89
N SER A 50 5.26 5.73 -3.81
CA SER A 50 4.03 5.04 -3.50
C SER A 50 2.94 5.33 -4.53
N VAL A 51 2.77 6.60 -4.92
CA VAL A 51 1.76 6.92 -5.94
C VAL A 51 2.03 6.15 -7.21
N ALA A 52 3.29 6.08 -7.63
CA ALA A 52 3.61 5.43 -8.90
C ALA A 52 3.20 3.96 -8.85
N TYR A 53 3.68 3.24 -7.84
CA TYR A 53 3.42 1.81 -7.80
C TYR A 53 1.97 1.50 -7.44
N LYS A 54 1.31 2.32 -6.63
CA LYS A 54 -0.10 2.04 -6.33
C LYS A 54 -0.94 2.13 -7.58
N ASN A 55 -0.64 3.11 -8.44
CA ASN A 55 -1.40 3.24 -9.68
C ASN A 55 -1.10 2.10 -10.64
N VAL A 56 0.17 1.71 -10.78
CA VAL A 56 0.51 0.61 -11.67
C VAL A 56 -0.17 -0.68 -11.19
N VAL A 57 0.08 -1.06 -9.94
CA VAL A 57 -0.52 -2.30 -9.44
CA VAL A 57 -0.53 -2.31 -9.47
C VAL A 57 -2.04 -2.20 -9.39
N GLY A 58 -2.57 -0.99 -9.16
CA GLY A 58 -4.01 -0.83 -9.10
C GLY A 58 -4.68 -1.16 -10.43
N GLY A 59 -4.05 -0.76 -11.53
CA GLY A 59 -4.57 -1.14 -12.83
C GLY A 59 -4.49 -2.63 -13.06
N GLN A 60 -3.39 -3.25 -12.63
CA GLN A 60 -3.22 -4.69 -12.80
C GLN A 60 -4.26 -5.44 -11.97
N ARG A 61 -4.48 -5.00 -10.73
CA ARG A 61 -5.47 -5.66 -9.87
C ARG A 61 -6.86 -5.56 -10.46
N ALA A 62 -7.23 -4.39 -10.98
CA ALA A 62 -8.54 -4.24 -11.60
C ALA A 62 -8.68 -5.18 -12.80
N ALA A 63 -7.63 -5.30 -13.61
CA ALA A 63 -7.69 -6.18 -14.77
C ALA A 63 -7.78 -7.63 -14.34
N TRP A 64 -6.99 -8.01 -13.34
CA TRP A 64 -7.01 -9.37 -12.83
C TRP A 64 -8.39 -9.75 -12.32
N ARG A 65 -9.06 -8.81 -11.64
CA ARG A 65 -10.40 -9.10 -11.12
C ARG A 65 -11.40 -9.32 -12.24
N VAL A 66 -11.33 -8.50 -13.30
CA VAL A 66 -12.19 -8.71 -14.47
C VAL A 66 -11.96 -10.09 -15.06
N LEU A 67 -10.70 -10.44 -15.29
CA LEU A 67 -10.39 -11.73 -15.91
C LEU A 67 -10.74 -12.90 -14.99
N SER A 68 -10.48 -12.76 -13.70
CA SER A 68 -10.82 -13.83 -12.76
CA SER A 68 -10.83 -13.83 -12.76
C SER A 68 -12.33 -14.07 -12.75
N SER A 69 -13.12 -13.01 -12.80
CA SER A 69 -14.57 -13.15 -12.84
C SER A 69 -15.01 -13.90 -14.09
N ILE A 70 -14.43 -13.55 -15.24
CA ILE A 70 -14.77 -14.24 -16.49
C ILE A 70 -14.40 -15.71 -16.39
N GLU A 71 -13.23 -15.99 -15.82
CA GLU A 71 -12.75 -17.36 -15.70
C GLU A 71 -13.66 -18.17 -14.80
N GLN A 72 -14.08 -17.61 -13.67
CA GLN A 72 -14.95 -18.35 -12.76
C GLN A 72 -16.32 -18.60 -13.37
N LYS A 73 -16.85 -17.62 -14.12
CA LYS A 73 -18.11 -17.84 -14.83
C LYS A 73 -17.97 -18.96 -15.85
N SER A 74 -16.84 -19.00 -16.55
CA SER A 74 -16.56 -20.10 -17.48
C SER A 74 -16.40 -21.44 -16.77
N ASN A 75 -16.27 -21.45 -15.45
CA ASN A 75 -16.15 -22.67 -14.68
C ASN A 75 -17.46 -23.07 -14.00
N GLU A 76 -18.57 -22.45 -14.37
CA GLU A 76 -19.87 -22.74 -13.77
C GLU A 76 -20.58 -23.87 -14.51
N GLY A 83 -11.92 -23.05 -24.17
CA GLY A 83 -10.50 -23.32 -24.32
C GLY A 83 -9.65 -22.70 -23.21
N PRO A 84 -8.33 -22.73 -23.39
CA PRO A 84 -7.42 -22.27 -22.34
C PRO A 84 -7.20 -20.75 -22.29
N GLU A 85 -7.81 -19.99 -23.20
CA GLU A 85 -7.40 -18.60 -23.40
C GLU A 85 -7.66 -17.73 -22.18
N VAL A 86 -8.81 -17.89 -21.51
CA VAL A 86 -9.12 -17.03 -20.38
C VAL A 86 -8.14 -17.27 -19.24
N ARG A 87 -7.87 -18.55 -18.95
CA ARG A 87 -6.88 -18.88 -17.92
C ARG A 87 -5.49 -18.37 -18.30
N GLU A 88 -5.08 -18.59 -19.56
CA GLU A 88 -3.77 -18.13 -20.00
C GLU A 88 -3.62 -16.64 -19.82
N TYR A 89 -4.64 -15.87 -20.22
CA TYR A 89 -4.51 -14.42 -20.16
C TYR A 89 -4.60 -13.92 -18.72
N ARG A 90 -5.47 -14.51 -17.89
CA ARG A 90 -5.48 -14.20 -16.47
C ARG A 90 -4.12 -14.50 -15.84
N GLU A 91 -3.51 -15.63 -16.22
CA GLU A 91 -2.19 -15.97 -15.71
C GLU A 91 -1.14 -14.98 -16.15
N LYS A 92 -1.24 -14.48 -17.40
CA LYS A 92 -0.29 -13.49 -17.88
C LYS A 92 -0.37 -12.22 -17.04
N VAL A 93 -1.57 -11.71 -16.82
CA VAL A 93 -1.74 -10.50 -16.02
C VAL A 93 -1.29 -10.75 -14.59
N GLU A 94 -1.64 -11.92 -14.05
CA GLU A 94 -1.24 -12.26 -12.68
C GLU A 94 0.28 -12.26 -12.54
N THR A 95 0.99 -12.84 -13.50
CA THR A 95 2.44 -12.91 -13.43
C THR A 95 3.05 -11.52 -13.50
N GLU A 96 2.48 -10.64 -14.32
CA GLU A 96 2.95 -9.27 -14.43
C GLU A 96 2.72 -8.53 -13.11
N LEU A 97 1.54 -8.71 -12.52
CA LEU A 97 1.24 -8.15 -11.20
C LEU A 97 2.23 -8.62 -10.16
N GLN A 98 2.48 -9.93 -10.10
CA GLN A 98 3.43 -10.46 -9.14
C GLN A 98 4.81 -9.88 -9.36
N GLY A 99 5.18 -9.67 -10.62
CA GLY A 99 6.49 -9.09 -10.91
C GLY A 99 6.62 -7.67 -10.39
N VAL A 100 5.57 -6.86 -10.52
CA VAL A 100 5.62 -5.51 -10.00
C VAL A 100 5.70 -5.52 -8.48
N CYS A 101 4.89 -6.36 -7.83
CA CYS A 101 4.96 -6.47 -6.38
C CYS A 101 6.35 -6.90 -5.93
N ASP A 102 6.94 -7.89 -6.62
CA ASP A 102 8.30 -8.33 -6.28
C ASP A 102 9.30 -7.20 -6.47
N THR A 103 9.13 -6.38 -7.50
CA THR A 103 10.02 -5.25 -7.72
C THR A 103 9.96 -4.28 -6.54
N VAL A 104 8.74 -3.91 -6.12
CA VAL A 104 8.60 -3.00 -4.98
C VAL A 104 9.21 -3.61 -3.73
N LEU A 105 8.86 -4.87 -3.46
CA LEU A 105 9.39 -5.53 -2.27
C LEU A 105 10.91 -5.57 -2.31
N GLY A 106 11.49 -5.75 -3.50
CA GLY A 106 12.93 -5.76 -3.60
C GLY A 106 13.56 -4.41 -3.30
N LEU A 107 12.91 -3.32 -3.73
CA LEU A 107 13.40 -1.99 -3.37
C LEU A 107 13.34 -1.78 -1.86
N LEU A 108 12.25 -2.22 -1.23
CA LEU A 108 12.12 -2.06 0.22
C LEU A 108 13.20 -2.85 0.94
N ASP A 109 13.56 -4.02 0.41
CA ASP A 109 14.58 -4.87 1.00
C ASP A 109 16.00 -4.46 0.62
N SER A 110 16.18 -3.57 -0.38
CA SER A 110 17.52 -3.25 -0.88
C SER A 110 17.55 -1.76 -1.30
N HIS A 111 17.62 -0.87 -0.32
CA HIS A 111 17.78 -1.15 1.11
C HIS A 111 16.99 -0.13 1.91
N LEU A 112 15.78 0.18 1.43
CA LEU A 112 15.02 1.28 2.01
C LEU A 112 14.68 1.04 3.48
N ILE A 113 14.17 -0.15 3.81
CA ILE A 113 13.76 -0.39 5.20
C ILE A 113 14.96 -0.37 6.13
N LYS A 114 16.05 -1.04 5.74
CA LYS A 114 17.19 -1.14 6.66
C LYS A 114 17.78 0.23 6.97
N GLU A 115 17.71 1.17 6.02
CA GLU A 115 18.29 2.48 6.25
C GLU A 115 17.32 3.46 6.90
N ALA A 116 16.05 3.07 7.07
CA ALA A 116 15.01 3.98 7.58
C ALA A 116 15.01 3.93 9.11
N GLY A 117 15.50 5.00 9.72
CA GLY A 117 15.61 5.06 11.16
C GLY A 117 14.54 5.90 11.82
N ASP A 118 14.05 6.91 11.11
CA ASP A 118 12.99 7.73 11.69
C ASP A 118 11.66 6.99 11.60
N ALA A 119 10.78 7.25 12.57
CA ALA A 119 9.50 6.56 12.59
C ALA A 119 8.71 6.80 11.31
N GLU A 120 8.71 8.03 10.80
CA GLU A 120 7.90 8.35 9.64
CA GLU A 120 7.88 8.34 9.64
C GLU A 120 8.34 7.55 8.42
N SER A 121 9.65 7.42 8.21
CA SER A 121 10.10 6.64 7.06
C SER A 121 9.92 5.15 7.29
N ARG A 122 10.28 4.65 8.47
CA ARG A 122 10.22 3.21 8.70
C ARG A 122 8.79 2.70 8.65
N VAL A 123 7.86 3.42 9.28
CA VAL A 123 6.46 3.02 9.22
C VAL A 123 5.95 3.07 7.79
N PHE A 124 6.31 4.12 7.03
CA PHE A 124 5.87 4.21 5.64
C PHE A 124 6.30 2.98 4.86
N TYR A 125 7.56 2.59 4.99
CA TYR A 125 8.09 1.48 4.20
C TYR A 125 7.51 0.14 4.65
N LEU A 126 7.36 -0.06 5.95
CA LEU A 126 6.77 -1.31 6.44
C LEU A 126 5.32 -1.43 6.02
N LYS A 127 4.59 -0.30 6.03
CA LYS A 127 3.23 -0.30 5.48
C LYS A 127 3.24 -0.69 4.00
N MET A 128 4.17 -0.12 3.22
CA MET A 128 4.29 -0.53 1.83
C MET A 128 4.53 -2.03 1.73
N LYS A 129 5.43 -2.57 2.56
CA LYS A 129 5.71 -4.00 2.51
C LYS A 129 4.45 -4.81 2.79
N GLY A 130 3.68 -4.40 3.80
CA GLY A 130 2.40 -5.06 4.05
C GLY A 130 1.47 -4.99 2.85
N ASP A 131 1.36 -3.80 2.23
CA ASP A 131 0.45 -3.61 1.10
C ASP A 131 0.82 -4.51 -0.07
N TYR A 132 2.11 -4.58 -0.42
CA TYR A 132 2.46 -5.36 -1.61
C TYR A 132 2.42 -6.86 -1.35
N TYR A 133 2.67 -7.31 -0.11
CA TYR A 133 2.37 -8.70 0.22
C TYR A 133 0.86 -8.95 0.19
N ARG A 134 0.06 -7.97 0.62
CA ARG A 134 -1.40 -8.13 0.53
C ARG A 134 -1.85 -8.29 -0.91
N TYR A 135 -1.28 -7.51 -1.84
CA TYR A 135 -1.64 -7.65 -3.24
C TYR A 135 -1.20 -9.02 -3.78
N LEU A 136 -0.02 -9.50 -3.37
CA LEU A 136 0.34 -10.88 -3.70
C LEU A 136 -0.66 -11.89 -3.14
N ALA A 137 -1.14 -11.66 -1.90
CA ALA A 137 -2.08 -12.58 -1.28
C ALA A 137 -3.40 -12.63 -2.04
N GLU A 138 -3.81 -11.51 -2.64
CA GLU A 138 -5.08 -11.46 -3.35
C GLU A 138 -5.12 -12.48 -4.49
N VAL A 139 -3.96 -12.83 -5.05
CA VAL A 139 -3.89 -13.73 -6.20
C VAL A 139 -3.26 -15.08 -5.86
N ALA A 140 -2.83 -15.26 -4.62
CA ALA A 140 -2.12 -16.47 -4.23
C ALA A 140 -3.11 -17.60 -3.93
N THR A 141 -2.65 -18.83 -4.12
CA THR A 141 -3.46 -20.01 -3.88
C THR A 141 -2.62 -21.06 -3.16
N GLY A 142 -3.09 -21.53 -2.02
CA GLY A 142 -2.50 -22.70 -1.37
C GLY A 142 -1.55 -22.42 -0.24
N ASP A 143 -0.47 -23.22 -0.19
CA ASP A 143 0.53 -23.07 0.89
C ASP A 143 1.28 -21.75 0.76
N ASP A 144 1.67 -21.38 -0.46
CA ASP A 144 2.31 -20.08 -0.63
C ASP A 144 1.41 -18.95 -0.17
N LYS A 145 0.09 -19.11 -0.29
CA LYS A 145 -0.82 -18.09 0.21
C LYS A 145 -0.65 -17.90 1.71
N LYS A 146 -0.54 -18.99 2.48
CA LYS A 146 -0.36 -18.86 3.92
C LYS A 146 0.90 -18.08 4.25
N ARG A 147 2.02 -18.38 3.58
CA ARG A 147 3.27 -17.69 3.89
C ARG A 147 3.20 -16.22 3.49
N ILE A 148 2.58 -15.94 2.33
CA ILE A 148 2.44 -14.55 1.90
C ILE A 148 1.58 -13.77 2.89
N ILE A 149 0.49 -14.39 3.36
CA ILE A 149 -0.37 -13.75 4.35
C ILE A 149 0.42 -13.44 5.61
N ASP A 150 1.24 -14.38 6.07
CA ASP A 150 2.01 -14.11 7.28
C ASP A 150 3.03 -12.99 7.07
N SER A 151 3.63 -12.91 5.89
CA SER A 151 4.56 -11.82 5.60
C SER A 151 3.87 -10.47 5.63
N ALA A 152 2.66 -10.39 5.04
CA ALA A 152 1.91 -9.14 5.11
C ALA A 152 1.59 -8.79 6.55
N ARG A 153 1.09 -9.76 7.30
CA ARG A 153 0.73 -9.51 8.70
CA ARG A 153 0.73 -9.51 8.70
C ARG A 153 1.93 -9.03 9.49
N SER A 154 3.09 -9.67 9.31
CA SER A 154 4.28 -9.32 10.06
CA SER A 154 4.27 -9.31 10.08
C SER A 154 4.73 -7.90 9.77
N ALA A 155 4.70 -7.49 8.50
CA ALA A 155 5.09 -6.14 8.15
C ALA A 155 4.12 -5.11 8.74
N TYR A 156 2.82 -5.36 8.56
CA TYR A 156 1.83 -4.45 9.14
C TYR A 156 1.98 -4.36 10.65
N GLN A 157 2.21 -5.49 11.32
CA GLN A 157 2.30 -5.49 12.78
C GLN A 157 3.50 -4.70 13.26
N GLU A 158 4.65 -4.87 12.61
CA GLU A 158 5.81 -4.09 13.01
C GLU A 158 5.54 -2.60 12.80
N ALA A 159 4.92 -2.25 11.68
CA ALA A 159 4.57 -0.85 11.43
C ALA A 159 3.62 -0.32 12.50
N MET A 160 2.63 -1.13 12.88
CA MET A 160 1.68 -0.71 13.92
C MET A 160 2.39 -0.47 15.23
N ASP A 161 3.28 -1.38 15.61
CA ASP A 161 3.97 -1.26 16.89
C ASP A 161 4.76 0.05 16.94
N ILE A 162 5.50 0.34 15.87
CA ILE A 162 6.27 1.59 15.84
C ILE A 162 5.35 2.79 15.85
N SER A 163 4.28 2.75 15.03
CA SER A 163 3.41 3.90 14.90
CA SER A 163 3.39 3.90 14.90
C SER A 163 2.72 4.24 16.22
N LYS A 164 2.36 3.22 17.00
CA LYS A 164 1.67 3.50 18.26
C LYS A 164 2.62 4.08 19.29
N LYS A 165 3.91 3.75 19.22
CA LYS A 165 4.88 4.31 20.15
C LYS A 165 5.35 5.69 19.74
N GLU A 166 5.38 5.98 18.43
CA GLU A 166 6.12 7.14 17.93
C GLU A 166 5.29 8.20 17.24
N MET A 167 4.02 7.95 16.92
CA MET A 167 3.22 8.91 16.19
CA MET A 167 3.21 8.88 16.16
C MET A 167 1.91 9.17 16.91
N PRO A 168 1.36 10.37 16.77
CA PRO A 168 0.04 10.65 17.35
C PRO A 168 -1.03 9.88 16.59
N PRO A 169 -2.18 9.64 17.22
CA PRO A 169 -3.22 8.83 16.58
C PRO A 169 -3.80 9.43 15.32
N THR A 170 -3.58 10.72 15.07
CA THR A 170 -4.09 11.38 13.87
C THR A 170 -3.07 11.43 12.74
N ASN A 171 -1.85 10.97 12.97
CA ASN A 171 -0.85 11.03 11.92
CA ASN A 171 -0.85 11.03 11.92
C ASN A 171 -1.37 10.30 10.69
N PRO A 172 -1.38 10.93 9.51
CA PRO A 172 -1.97 10.29 8.33
C PRO A 172 -1.32 8.97 7.93
N ILE A 173 -0.01 8.81 8.16
CA ILE A 173 0.62 7.52 7.87
C ILE A 173 0.10 6.45 8.82
N ARG A 174 0.02 6.79 10.10
CA ARG A 174 -0.54 5.86 11.08
C ARG A 174 -1.98 5.50 10.73
N LEU A 175 -2.79 6.49 10.34
CA LEU A 175 -4.18 6.23 9.97
C LEU A 175 -4.28 5.35 8.74
N GLY A 176 -3.48 5.65 7.71
CA GLY A 176 -3.54 4.84 6.50
C GLY A 176 -3.06 3.42 6.73
N LEU A 177 -2.07 3.26 7.61
CA LEU A 177 -1.62 1.94 8.01
C LEU A 177 -2.75 1.16 8.68
N ALA A 178 -3.40 1.77 9.67
CA ALA A 178 -4.49 1.09 10.35
C ALA A 178 -5.62 0.77 9.39
N LEU A 179 -5.95 1.69 8.48
CA LEU A 179 -6.95 1.43 7.45
C LEU A 179 -6.58 0.18 6.64
N ASN A 180 -5.36 0.15 6.11
CA ASN A 180 -4.99 -0.95 5.23
C ASN A 180 -4.86 -2.26 6.00
N PHE A 181 -4.38 -2.22 7.25
CA PHE A 181 -4.32 -3.43 8.07
C PHE A 181 -5.73 -3.95 8.35
N SER A 182 -6.69 -3.05 8.58
CA SER A 182 -8.07 -3.48 8.76
CA SER A 182 -8.07 -3.49 8.76
C SER A 182 -8.61 -4.16 7.51
N VAL A 183 -8.26 -3.63 6.33
CA VAL A 183 -8.67 -4.28 5.08
C VAL A 183 -8.02 -5.65 4.95
N PHE A 184 -6.74 -5.75 5.28
CA PHE A 184 -6.07 -7.05 5.33
C PHE A 184 -6.86 -8.03 6.21
N HIS A 185 -7.25 -7.61 7.42
CA HIS A 185 -8.00 -8.50 8.30
C HIS A 185 -9.32 -8.93 7.67
N TYR A 186 -10.05 -7.99 7.08
CA TYR A 186 -11.38 -8.30 6.57
C TYR A 186 -11.32 -9.14 5.30
N GLU A 187 -10.46 -8.75 4.36
CA GLU A 187 -10.49 -9.29 3.01
C GLU A 187 -9.52 -10.44 2.79
N ILE A 188 -8.43 -10.51 3.56
CA ILE A 188 -7.36 -11.48 3.33
C ILE A 188 -7.34 -12.55 4.41
N ALA A 189 -7.35 -12.13 5.68
CA ALA A 189 -7.11 -13.02 6.80
C ALA A 189 -8.38 -13.64 7.36
N ASN A 190 -9.54 -13.37 6.77
CA ASN A 190 -10.80 -13.95 7.25
C ASN A 190 -11.03 -13.62 8.73
N SER A 191 -10.72 -12.38 9.11
CA SER A 191 -10.88 -11.91 10.48
CA SER A 191 -10.88 -11.91 10.48
C SER A 191 -11.71 -10.64 10.51
N PRO A 192 -12.99 -10.72 10.11
CA PRO A 192 -13.79 -9.49 10.07
C PRO A 192 -13.94 -8.81 11.42
N GLU A 193 -14.01 -9.57 12.51
CA GLU A 193 -14.14 -8.93 13.82
C GLU A 193 -12.90 -8.13 14.17
N GLU A 194 -11.70 -8.66 13.85
CA GLU A 194 -10.47 -7.93 14.07
C GLU A 194 -10.44 -6.66 13.23
N ALA A 195 -10.91 -6.75 11.99
CA ALA A 195 -11.00 -5.58 11.11
C ALA A 195 -11.88 -4.51 11.72
N ILE A 196 -13.08 -4.89 12.17
CA ILE A 196 -14.03 -3.94 12.74
C ILE A 196 -13.46 -3.32 14.01
N SER A 197 -12.89 -4.14 14.89
CA SER A 197 -12.33 -3.62 16.13
CA SER A 197 -12.33 -3.62 16.13
C SER A 197 -11.20 -2.64 15.85
N LEU A 198 -10.31 -2.97 14.92
CA LEU A 198 -9.21 -2.07 14.61
C LEU A 198 -9.73 -0.76 14.01
N ALA A 199 -10.69 -0.84 13.11
CA ALA A 199 -11.23 0.38 12.51
C ALA A 199 -11.88 1.27 13.57
N LYS A 200 -12.66 0.67 14.46
CA LYS A 200 -13.36 1.45 15.50
C LYS A 200 -12.38 2.11 16.46
N THR A 201 -11.43 1.33 16.99
CA THR A 201 -10.46 1.91 17.93
CA THR A 201 -10.48 1.93 17.93
C THR A 201 -9.62 2.99 17.26
N THR A 202 -9.20 2.76 16.02
CA THR A 202 -8.42 3.76 15.31
C THR A 202 -9.22 5.05 15.14
N PHE A 203 -10.48 4.91 14.73
CA PHE A 203 -11.31 6.09 14.50
C PHE A 203 -11.50 6.86 15.80
N ASP A 204 -11.82 6.16 16.89
CA ASP A 204 -12.13 6.83 18.14
C ASP A 204 -10.90 7.53 18.73
N GLU A 205 -9.73 6.89 18.62
CA GLU A 205 -8.53 7.52 19.16
C GLU A 205 -8.10 8.71 18.32
N ALA A 206 -8.34 8.66 17.02
CA ALA A 206 -8.08 9.84 16.19
C ALA A 206 -9.04 10.97 16.51
N MET A 207 -10.33 10.66 16.66
CA MET A 207 -11.32 11.67 17.02
C MET A 207 -10.87 12.48 18.22
N ALA A 208 -10.38 11.77 19.26
CA ALA A 208 -9.99 12.41 20.50
C ALA A 208 -8.72 13.25 20.38
N ASP A 209 -7.98 13.14 19.28
CA ASP A 209 -6.76 13.90 19.06
C ASP A 209 -6.93 15.02 18.04
N LEU A 210 -8.10 15.12 17.38
CA LEU A 210 -8.29 16.16 16.36
C LEU A 210 -8.12 17.57 16.92
N HIS A 211 -8.41 17.77 18.20
CA HIS A 211 -8.36 19.10 18.78
C HIS A 211 -6.95 19.70 18.77
N THR A 212 -5.93 18.86 18.60
CA THR A 212 -4.54 19.32 18.60
C THR A 212 -4.07 19.82 17.24
N LEU A 213 -4.88 19.67 16.20
CA LEU A 213 -4.45 19.84 14.82
C LEU A 213 -4.82 21.21 14.26
N SER A 214 -3.96 21.71 13.37
CA SER A 214 -4.29 22.86 12.55
C SER A 214 -5.37 22.48 11.54
N GLU A 215 -5.91 23.48 10.86
CA GLU A 215 -6.99 23.22 9.90
C GLU A 215 -6.51 22.29 8.77
N ASP A 216 -5.28 22.47 8.29
CA ASP A 216 -4.80 21.65 7.18
C ASP A 216 -4.55 20.21 7.62
N SER A 217 -3.93 20.03 8.80
CA SER A 217 -3.73 18.67 9.31
C SER A 217 -5.07 18.01 9.65
N TYR A 218 -5.99 18.78 10.21
CA TYR A 218 -7.35 18.29 10.45
CA TYR A 218 -7.35 18.29 10.45
C TYR A 218 -7.96 17.73 9.17
N LYS A 219 -7.79 18.44 8.05
CA LYS A 219 -8.34 17.96 6.79
C LYS A 219 -7.68 16.66 6.36
N ASP A 220 -6.34 16.57 6.50
CA ASP A 220 -5.63 15.36 6.11
C ASP A 220 -6.09 14.16 6.93
N SER A 221 -6.22 14.35 8.26
CA SER A 221 -6.59 13.23 9.13
C SER A 221 -8.03 12.80 8.90
N THR A 222 -8.96 13.76 8.83
CA THR A 222 -10.37 13.40 8.69
C THR A 222 -10.65 12.71 7.36
N LEU A 223 -9.87 13.01 6.31
CA LEU A 223 -10.08 12.32 5.04
C LEU A 223 -9.92 10.81 5.21
N ILE A 224 -8.89 10.39 5.95
CA ILE A 224 -8.66 8.95 6.11
C ILE A 224 -9.63 8.37 7.13
N MET A 225 -9.98 9.14 8.16
CA MET A 225 -10.99 8.67 9.12
C MET A 225 -12.31 8.36 8.43
N GLN A 226 -12.66 9.14 7.40
CA GLN A 226 -13.90 8.89 6.69
C GLN A 226 -13.88 7.51 6.03
N LEU A 227 -12.72 7.09 5.52
CA LEU A 227 -12.61 5.75 4.96
C LEU A 227 -12.79 4.65 6.01
N LEU A 228 -12.25 4.84 7.22
CA LEU A 228 -12.52 3.90 8.30
C LEU A 228 -14.02 3.79 8.54
N ARG A 229 -14.70 4.93 8.60
CA ARG A 229 -16.15 4.93 8.78
C ARG A 229 -16.86 4.27 7.60
N ASP A 230 -16.42 4.55 6.37
CA ASP A 230 -17.04 3.95 5.21
C ASP A 230 -16.93 2.43 5.25
N ASN A 231 -15.78 1.91 5.67
CA ASN A 231 -15.63 0.47 5.82
C ASN A 231 -16.52 -0.07 6.93
N LEU A 232 -16.55 0.60 8.07
CA LEU A 232 -17.42 0.14 9.15
C LEU A 232 -18.87 0.07 8.69
N THR A 233 -19.29 1.02 7.85
CA THR A 233 -20.65 0.98 7.30
C THR A 233 -20.84 -0.23 6.38
N LEU A 234 -19.83 -0.57 5.58
CA LEU A 234 -19.91 -1.76 4.75
C LEU A 234 -19.91 -3.03 5.58
N TRP A 235 -19.18 -3.03 6.70
CA TRP A 235 -18.90 -4.26 7.44
C TRP A 235 -19.90 -4.55 8.54
N THR A 236 -20.72 -3.58 8.94
CA THR A 236 -21.62 -3.75 10.08
C THR A 236 -23.05 -3.42 9.69
N ARG B 1 -15.51 -6.06 -1.52
CA ARG B 1 -14.31 -5.24 -1.45
C ARG B 1 -14.47 -4.12 -0.43
N SER B 2 -13.34 -3.64 0.09
CA SER B 2 -13.27 -2.59 1.09
C SER B 2 -12.43 -1.43 0.57
N PHE B 3 -12.53 -0.29 1.26
CA PHE B 3 -11.73 0.87 0.90
C PHE B 3 -10.36 0.86 1.56
N GLU B 5 -6.32 2.82 1.48
CA GLU B 5 -5.81 4.18 1.29
C GLU B 5 -5.81 4.52 -0.20
N PRO B 6 -6.23 5.74 -0.55
CA PRO B 6 -6.31 6.09 -1.97
C PRO B 6 -4.95 6.00 -2.64
N PHE B 7 -4.96 5.71 -3.95
CA PHE B 7 -3.71 5.53 -4.69
C PHE B 7 -2.86 6.80 -4.67
N GLY B 8 -3.49 7.96 -4.79
CA GLY B 8 -2.77 9.21 -4.91
C GLY B 8 -2.53 9.67 -6.34
#